data_9I6V
#
_entry.id   9I6V
#
_cell.length_a   82.988
_cell.length_b   113.074
_cell.length_c   62.904
_cell.angle_alpha   90.00
_cell.angle_beta   90.00
_cell.angle_gamma   90.00
#
_symmetry.space_group_name_H-M   'C 2 2 21'
#
loop_
_entity.id
_entity.type
_entity.pdbx_description
1 polymer '14-3-3 protein sigma'
2 polymer 'Estrogen receptor'
3 non-polymer 2-chloranyl-~{N}-[4-[3-[(2,6-dimethylphenyl)amino]imidazo[1,2-a]pyridin-2-yl]-3-fluoranyl-phenyl]ethanamide
4 non-polymer 'CALCIUM ION'
5 non-polymer 'CHLORIDE ION'
6 water water
#
loop_
_entity_poly.entity_id
_entity_poly.type
_entity_poly.pdbx_seq_one_letter_code
_entity_poly.pdbx_strand_id
1 'polypeptide(L)'
;GAMGSMERASLIQKAKLAEQAERYEDMAAFMKGAVEKGEELSCEERNLLSVAYKNVVGGQRAAWRVLSSIEQKSNEEGSE
EKGPEVREYREKVETELQGVCDTVLGLLDSHLIKEAGDAESRVFYLKMKGDYYRYLAEVATGDDKKRIIDSARSAYQEAM
DISKKEMPPTNPIRLGLALNFSVFHYEIANSPEEAISLAKTTFDEAMADLHTLSEDSYKDSTLIMQLLRDNLTLWT
;
A
2 'polypeptide(L)' FPA(TPO)V B
#
# COMPACT_ATOMS: atom_id res chain seq x y z
N GLY A 1 -19.54 1.58 -14.99
CA GLY A 1 -19.33 3.02 -15.11
C GLY A 1 -18.91 3.41 -16.53
N ALA A 2 -17.96 4.35 -16.62
CA ALA A 2 -17.51 4.90 -17.89
C ALA A 2 -16.84 3.83 -18.77
N MET A 3 -16.27 2.79 -18.14
CA MET A 3 -15.62 1.71 -18.85
C MET A 3 -16.53 0.51 -19.11
N GLY A 4 -17.84 0.67 -18.81
CA GLY A 4 -18.78 -0.44 -18.90
C GLY A 4 -18.92 -1.03 -20.30
N SER A 5 -18.66 -0.21 -21.34
CA SER A 5 -18.81 -0.65 -22.71
C SER A 5 -17.54 -1.27 -23.31
N MET A 6 -16.42 -1.21 -22.59
CA MET A 6 -15.16 -1.74 -23.11
C MET A 6 -14.92 -3.17 -22.64
N GLU A 7 -14.44 -4.04 -23.55
CA GLU A 7 -14.11 -5.40 -23.21
C GLU A 7 -13.07 -5.49 -22.08
N ARG A 8 -13.22 -6.50 -21.21
CA ARG A 8 -12.23 -6.74 -20.16
C ARG A 8 -10.80 -6.82 -20.71
N ALA A 9 -10.62 -7.60 -21.78
CA ALA A 9 -9.27 -7.82 -22.30
C ALA A 9 -8.69 -6.51 -22.84
N SER A 10 -9.54 -5.66 -23.44
CA SER A 10 -9.12 -4.37 -23.97
C SER A 10 -8.72 -3.41 -22.86
N LEU A 11 -9.43 -3.45 -21.72
CA LEU A 11 -9.08 -2.65 -20.56
C LEU A 11 -7.70 -3.05 -20.02
N ILE A 12 -7.43 -4.36 -19.92
CA ILE A 12 -6.13 -4.83 -19.48
C ILE A 12 -5.02 -4.42 -20.45
N GLN A 13 -5.27 -4.57 -21.76
CA GLN A 13 -4.30 -4.18 -22.76
C GLN A 13 -3.95 -2.70 -22.65
N LYS A 14 -5.00 -1.86 -22.50
CA LYS A 14 -4.79 -0.43 -22.38
C LYS A 14 -4.14 -0.02 -21.06
N ALA A 15 -4.40 -0.75 -19.98
CA ALA A 15 -3.69 -0.50 -18.73
C ALA A 15 -2.17 -0.69 -18.94
N LYS A 16 -1.77 -1.75 -19.67
CA LYS A 16 -0.37 -1.98 -19.94
C LYS A 16 0.25 -0.86 -20.79
N LEU A 17 -0.50 -0.42 -21.81
CA LEU A 17 -0.07 0.74 -22.59
C LEU A 17 0.09 2.02 -21.77
N ALA A 18 -0.88 2.27 -20.87
CA ALA A 18 -0.84 3.42 -20.01
C ALA A 18 0.37 3.38 -19.08
N GLU A 19 0.72 2.18 -18.59
CA GLU A 19 1.91 2.03 -17.76
C GLU A 19 3.16 2.42 -18.55
N GLN A 20 3.27 1.92 -19.79
CA GLN A 20 4.44 2.25 -20.62
C GLN A 20 4.58 3.75 -20.90
N ALA A 21 3.43 4.42 -21.02
CA ALA A 21 3.37 5.86 -21.26
C ALA A 21 3.40 6.70 -19.98
N GLU A 22 3.51 6.07 -18.82
CA GLU A 22 3.51 6.74 -17.53
C GLU A 22 2.24 7.58 -17.28
N ARG A 23 1.11 7.06 -17.75
CA ARG A 23 -0.21 7.67 -17.62
C ARG A 23 -0.98 6.90 -16.55
N TYR A 24 -0.59 7.13 -15.29
CA TYR A 24 -1.08 6.29 -14.20
C TYR A 24 -2.54 6.53 -13.83
N GLU A 25 -3.06 7.76 -14.00
CA GLU A 25 -4.48 8.00 -13.78
CA GLU A 25 -4.48 8.00 -13.78
C GLU A 25 -5.31 7.20 -14.78
N ASP A 26 -4.90 7.19 -16.05
CA ASP A 26 -5.57 6.37 -17.05
C ASP A 26 -5.48 4.88 -16.70
N MET A 27 -4.29 4.45 -16.30
CA MET A 27 -4.05 3.06 -15.94
C MET A 27 -5.02 2.62 -14.83
N ALA A 28 -5.17 3.48 -13.82
CA ALA A 28 -6.06 3.17 -12.71
C ALA A 28 -7.52 3.09 -13.17
N ALA A 29 -7.96 4.02 -14.03
CA ALA A 29 -9.31 4.00 -14.55
C ALA A 29 -9.57 2.71 -15.35
N PHE A 30 -8.60 2.29 -16.17
CA PHE A 30 -8.76 1.05 -16.92
C PHE A 30 -8.87 -0.15 -15.97
N MET A 31 -8.00 -0.20 -14.95
CA MET A 31 -8.03 -1.34 -14.05
C MET A 31 -9.29 -1.36 -13.16
N LYS A 32 -9.79 -0.19 -12.74
CA LYS A 32 -11.07 -0.12 -12.07
C LYS A 32 -12.16 -0.72 -12.94
N GLY A 33 -12.19 -0.35 -14.23
CA GLY A 33 -13.14 -0.93 -15.16
C GLY A 33 -13.03 -2.45 -15.25
N ALA A 34 -11.79 -2.93 -15.29
CA ALA A 34 -11.55 -4.36 -15.35
C ALA A 34 -12.08 -5.07 -14.09
N VAL A 35 -11.83 -4.51 -12.91
CA VAL A 35 -12.33 -5.10 -11.68
C VAL A 35 -13.86 -5.16 -11.71
N GLU A 36 -14.47 -4.08 -12.19
CA GLU A 36 -15.93 -3.98 -12.18
C GLU A 36 -16.62 -4.93 -13.15
N LYS A 37 -15.86 -5.62 -14.00
CA LYS A 37 -16.45 -6.70 -14.79
C LYS A 37 -16.91 -7.88 -13.92
N GLY A 38 -16.36 -8.01 -12.70
CA GLY A 38 -16.87 -8.98 -11.73
C GLY A 38 -16.09 -10.28 -11.65
N GLU A 39 -15.14 -10.51 -12.56
CA GLU A 39 -14.33 -11.72 -12.55
C GLU A 39 -13.12 -11.49 -11.62
N GLU A 40 -12.62 -12.58 -11.06
CA GLU A 40 -11.37 -12.54 -10.30
C GLU A 40 -10.21 -12.05 -11.18
N LEU A 41 -9.15 -11.54 -10.54
CA LEU A 41 -7.95 -11.07 -11.21
C LEU A 41 -6.84 -12.12 -11.09
N SER A 42 -6.09 -12.27 -12.19
CA SER A 42 -4.87 -13.05 -12.19
C SER A 42 -3.78 -12.33 -11.40
N CYS A 43 -2.65 -13.02 -11.17
CA CYS A 43 -1.50 -12.39 -10.54
C CYS A 43 -1.04 -11.13 -11.29
N GLU A 44 -0.86 -11.25 -12.61
CA GLU A 44 -0.42 -10.12 -13.39
C GLU A 44 -1.41 -8.95 -13.29
N GLU A 45 -2.71 -9.27 -13.34
CA GLU A 45 -3.74 -8.23 -13.29
C GLU A 45 -3.80 -7.55 -11.91
N ARG A 46 -3.65 -8.31 -10.81
CA ARG A 46 -3.57 -7.73 -9.48
C ARG A 46 -2.39 -6.75 -9.40
N ASN A 47 -1.25 -7.12 -10.01
CA ASN A 47 -0.08 -6.26 -10.02
CA ASN A 47 -0.09 -6.24 -10.00
C ASN A 47 -0.37 -4.95 -10.76
N LEU A 48 -1.07 -5.02 -11.89
CA LEU A 48 -1.42 -3.82 -12.63
C LEU A 48 -2.31 -2.89 -11.81
N LEU A 49 -3.30 -3.46 -11.12
CA LEU A 49 -4.18 -2.69 -10.26
C LEU A 49 -3.38 -1.95 -9.18
N SER A 50 -2.49 -2.68 -8.51
N SER A 50 -2.51 -2.70 -8.50
CA SER A 50 -1.71 -2.10 -7.43
CA SER A 50 -1.69 -2.14 -7.44
C SER A 50 -0.75 -1.02 -7.93
C SER A 50 -0.76 -1.02 -7.94
N VAL A 51 -0.07 -1.27 -9.05
CA VAL A 51 0.88 -0.30 -9.58
C VAL A 51 0.19 1.02 -9.91
N ALA A 52 -0.98 0.92 -10.55
CA ALA A 52 -1.69 2.11 -11.02
C ALA A 52 -2.04 3.01 -9.83
N TYR A 53 -2.72 2.44 -8.82
CA TYR A 53 -3.17 3.24 -7.70
C TYR A 53 -1.99 3.68 -6.82
N LYS A 54 -0.95 2.84 -6.68
CA LYS A 54 0.22 3.24 -5.90
C LYS A 54 0.83 4.54 -6.44
N ASN A 55 0.93 4.62 -7.77
CA ASN A 55 1.48 5.79 -8.42
C ASN A 55 0.57 7.01 -8.28
N VAL A 56 -0.75 6.83 -8.46
CA VAL A 56 -1.67 7.95 -8.28
C VAL A 56 -1.62 8.49 -6.86
N VAL A 57 -1.81 7.61 -5.87
CA VAL A 57 -1.87 8.06 -4.48
C VAL A 57 -0.50 8.56 -4.03
N GLY A 58 0.57 7.94 -4.56
CA GLY A 58 1.91 8.38 -4.21
C GLY A 58 2.17 9.84 -4.56
N GLY A 59 1.72 10.25 -5.75
CA GLY A 59 1.82 11.65 -6.13
C GLY A 59 0.96 12.58 -5.26
N GLN A 60 -0.23 12.11 -4.89
CA GLN A 60 -1.08 12.89 -4.01
C GLN A 60 -0.44 13.06 -2.62
N ARG A 61 0.13 11.97 -2.09
CA ARG A 61 0.79 12.02 -0.79
C ARG A 61 1.97 13.00 -0.81
N ALA A 62 2.78 12.96 -1.87
CA ALA A 62 3.92 13.87 -1.97
C ALA A 62 3.45 15.33 -1.98
N ALA A 63 2.37 15.60 -2.73
CA ALA A 63 1.85 16.96 -2.81
C ALA A 63 1.28 17.41 -1.47
N TRP A 64 0.55 16.50 -0.81
CA TRP A 64 -0.02 16.79 0.50
C TRP A 64 1.07 17.17 1.50
N ARG A 65 2.18 16.43 1.49
CA ARG A 65 3.26 16.72 2.41
C ARG A 65 3.86 18.10 2.16
N VAL A 66 4.04 18.46 0.90
CA VAL A 66 4.54 19.80 0.58
C VAL A 66 3.64 20.90 1.15
N LEU A 67 2.33 20.74 0.89
CA LEU A 67 1.34 21.72 1.31
C LEU A 67 1.20 21.78 2.83
N SER A 68 1.21 20.62 3.49
CA SER A 68 1.15 20.56 4.95
CA SER A 68 1.13 20.59 4.94
C SER A 68 2.33 21.28 5.59
N SER A 69 3.52 21.10 5.02
CA SER A 69 4.71 21.78 5.53
C SER A 69 4.58 23.31 5.41
N ILE A 70 4.05 23.80 4.29
CA ILE A 70 3.84 25.23 4.10
C ILE A 70 2.83 25.73 5.12
N GLU A 71 1.77 24.94 5.32
CA GLU A 71 0.74 25.33 6.26
C GLU A 71 1.28 25.40 7.69
N GLN A 72 2.09 24.42 8.08
CA GLN A 72 2.68 24.39 9.42
C GLN A 72 3.54 25.63 9.65
N LYS A 73 4.35 25.98 8.65
CA LYS A 73 5.19 27.17 8.72
C LYS A 73 4.39 28.47 8.84
N SER A 74 3.23 28.50 8.19
CA SER A 74 2.35 29.67 8.25
C SER A 74 1.75 29.91 9.65
N ASN A 75 1.74 28.86 10.48
CA ASN A 75 1.17 28.97 11.81
C ASN A 75 2.22 29.15 12.91
N GLU A 76 3.48 29.34 12.52
CA GLU A 76 4.54 29.67 13.45
C GLU A 76 4.51 31.14 13.88
N GLU A 77 5.09 31.42 15.06
CA GLU A 77 5.29 32.78 15.53
C GLU A 77 6.05 33.63 14.52
N GLY A 78 5.56 34.85 14.30
CA GLY A 78 6.24 35.81 13.43
C GLY A 78 5.89 35.65 11.95
N SER A 79 5.18 34.56 11.61
CA SER A 79 4.67 34.35 10.27
C SER A 79 3.56 35.35 9.94
N GLU A 80 3.65 35.99 8.77
CA GLU A 80 2.67 36.96 8.33
C GLU A 80 1.39 36.26 7.88
N GLU A 81 0.22 36.84 8.21
CA GLU A 81 -1.07 36.29 7.84
C GLU A 81 -1.25 36.36 6.33
N LYS A 82 -1.54 35.21 5.71
CA LYS A 82 -1.74 35.17 4.27
C LYS A 82 -3.12 34.72 3.81
N GLY A 83 -4.05 34.55 4.76
CA GLY A 83 -5.43 34.23 4.44
C GLY A 83 -5.68 32.73 4.36
N PRO A 84 -6.87 32.31 3.88
CA PRO A 84 -7.28 30.92 3.94
C PRO A 84 -6.74 30.02 2.82
N GLU A 85 -5.98 30.57 1.87
CA GLU A 85 -5.69 29.85 0.64
C GLU A 85 -4.83 28.58 0.84
N VAL A 86 -3.81 28.64 1.71
CA VAL A 86 -2.98 27.46 1.92
C VAL A 86 -3.81 26.30 2.50
N ARG A 87 -4.60 26.60 3.54
CA ARG A 87 -5.48 25.59 4.11
C ARG A 87 -6.45 25.07 3.07
N GLU A 88 -7.10 25.95 2.31
CA GLU A 88 -8.05 25.53 1.30
C GLU A 88 -7.43 24.56 0.29
N TYR A 89 -6.23 24.89 -0.19
CA TYR A 89 -5.63 24.08 -1.23
C TYR A 89 -5.12 22.74 -0.67
N ARG A 90 -4.57 22.77 0.55
CA ARG A 90 -4.21 21.52 1.23
C ARG A 90 -5.45 20.63 1.39
N GLU A 91 -6.58 21.22 1.79
CA GLU A 91 -7.84 20.50 1.92
C GLU A 91 -8.33 19.92 0.59
N LYS A 92 -8.12 20.66 -0.50
CA LYS A 92 -8.50 20.17 -1.83
C LYS A 92 -7.73 18.90 -2.18
N VAL A 93 -6.41 18.97 -2.02
CA VAL A 93 -5.57 17.82 -2.30
C VAL A 93 -5.94 16.64 -1.38
N GLU A 94 -6.14 16.95 -0.11
CA GLU A 94 -6.48 15.93 0.87
C GLU A 94 -7.77 15.20 0.49
N THR A 95 -8.78 15.95 0.07
CA THR A 95 -10.07 15.39 -0.29
C THR A 95 -9.92 14.47 -1.50
N GLU A 96 -9.13 14.89 -2.49
CA GLU A 96 -8.88 14.06 -3.66
C GLU A 96 -8.16 12.76 -3.28
N LEU A 97 -7.15 12.85 -2.40
CA LEU A 97 -6.46 11.68 -1.87
C LEU A 97 -7.41 10.73 -1.18
N GLN A 98 -8.22 11.25 -0.27
CA GLN A 98 -9.20 10.42 0.42
C GLN A 98 -10.15 9.75 -0.58
N GLY A 99 -10.54 10.47 -1.64
CA GLY A 99 -11.39 9.88 -2.66
C GLY A 99 -10.77 8.68 -3.36
N VAL A 100 -9.49 8.78 -3.71
CA VAL A 100 -8.76 7.67 -4.32
C VAL A 100 -8.69 6.48 -3.35
N CYS A 101 -8.37 6.74 -2.09
CA CYS A 101 -8.32 5.67 -1.10
C CYS A 101 -9.70 5.00 -0.96
N ASP A 102 -10.78 5.79 -0.90
CA ASP A 102 -12.11 5.23 -0.83
C ASP A 102 -12.46 4.40 -2.06
N THR A 103 -12.00 4.82 -3.24
CA THR A 103 -12.23 4.05 -4.45
C THR A 103 -11.57 2.68 -4.36
N VAL A 104 -10.30 2.66 -3.97
CA VAL A 104 -9.56 1.40 -3.86
C VAL A 104 -10.21 0.49 -2.82
N LEU A 105 -10.50 1.03 -1.63
CA LEU A 105 -11.12 0.25 -0.59
C LEU A 105 -12.47 -0.29 -1.03
N GLY A 106 -13.20 0.51 -1.82
CA GLY A 106 -14.47 0.06 -2.38
C GLY A 106 -14.33 -1.14 -3.32
N LEU A 107 -13.31 -1.13 -4.18
CA LEU A 107 -13.06 -2.26 -5.05
C LEU A 107 -12.70 -3.52 -4.25
N LEU A 108 -11.90 -3.35 -3.18
CA LEU A 108 -11.52 -4.48 -2.35
C LEU A 108 -12.76 -5.06 -1.65
N ASP A 109 -13.66 -4.19 -1.20
CA ASP A 109 -14.86 -4.64 -0.49
C ASP A 109 -15.97 -5.11 -1.42
N SER A 110 -15.90 -4.76 -2.71
CA SER A 110 -16.96 -5.06 -3.66
C SER A 110 -16.36 -5.46 -5.02
N HIS A 111 -15.83 -6.70 -5.13
CA HIS A 111 -15.92 -7.80 -4.17
C HIS A 111 -14.64 -8.62 -4.18
N LEU A 112 -13.47 -7.97 -4.33
CA LEU A 112 -12.23 -8.70 -4.53
C LEU A 112 -11.84 -9.59 -3.35
N ILE A 113 -11.89 -9.06 -2.14
CA ILE A 113 -11.48 -9.82 -0.96
C ILE A 113 -12.38 -11.04 -0.77
N LYS A 114 -13.70 -10.85 -0.81
CA LYS A 114 -14.58 -11.96 -0.48
C LYS A 114 -14.48 -13.12 -1.47
N GLU A 115 -14.05 -12.89 -2.72
CA GLU A 115 -13.93 -13.99 -3.67
CA GLU A 115 -13.92 -13.94 -3.72
C GLU A 115 -12.52 -14.55 -3.74
N ALA A 116 -11.56 -13.96 -2.98
CA ALA A 116 -10.17 -14.40 -2.94
C ALA A 116 -9.96 -15.49 -1.88
N GLY A 117 -9.77 -16.72 -2.35
CA GLY A 117 -9.61 -17.88 -1.49
C GLY A 117 -8.20 -18.44 -1.41
N ASP A 118 -7.39 -18.20 -2.46
CA ASP A 118 -6.02 -18.66 -2.41
C ASP A 118 -5.23 -17.70 -1.54
N ALA A 119 -4.25 -18.25 -0.83
CA ALA A 119 -3.54 -17.45 0.14
C ALA A 119 -2.87 -16.26 -0.54
N GLU A 120 -2.30 -16.46 -1.72
CA GLU A 120 -1.53 -15.42 -2.38
C GLU A 120 -2.43 -14.25 -2.75
N SER A 121 -3.64 -14.51 -3.28
CA SER A 121 -4.52 -13.42 -3.65
CA SER A 121 -4.56 -13.47 -3.65
C SER A 121 -5.10 -12.73 -2.42
N ARG A 122 -5.53 -13.51 -1.43
CA ARG A 122 -6.15 -12.92 -0.26
C ARG A 122 -5.15 -12.02 0.49
N VAL A 123 -3.92 -12.51 0.67
CA VAL A 123 -2.90 -11.72 1.33
C VAL A 123 -2.62 -10.43 0.54
N PHE A 124 -2.52 -10.54 -0.79
CA PHE A 124 -2.26 -9.39 -1.63
C PHE A 124 -3.31 -8.29 -1.41
N TYR A 125 -4.60 -8.69 -1.41
CA TYR A 125 -5.68 -7.73 -1.25
C TYR A 125 -5.75 -7.15 0.16
N LEU A 126 -5.53 -8.00 1.18
CA LEU A 126 -5.55 -7.50 2.55
C LEU A 126 -4.40 -6.54 2.83
N LYS A 127 -3.22 -6.79 2.24
CA LYS A 127 -2.13 -5.84 2.30
C LYS A 127 -2.55 -4.50 1.70
N MET A 128 -3.18 -4.53 0.52
CA MET A 128 -3.69 -3.29 -0.06
C MET A 128 -4.65 -2.59 0.90
N LYS A 129 -5.58 -3.34 1.51
CA LYS A 129 -6.54 -2.73 2.44
C LYS A 129 -5.80 -2.02 3.56
N GLY A 130 -4.81 -2.68 4.13
CA GLY A 130 -4.00 -2.05 5.17
C GLY A 130 -3.30 -0.78 4.69
N ASP A 131 -2.70 -0.86 3.50
CA ASP A 131 -1.99 0.29 2.93
C ASP A 131 -2.90 1.49 2.73
N TYR A 132 -4.11 1.29 2.18
CA TYR A 132 -4.95 2.44 1.86
C TYR A 132 -5.62 3.00 3.12
N TYR A 133 -5.91 2.18 4.13
CA TYR A 133 -6.26 2.75 5.43
C TYR A 133 -5.09 3.49 6.06
N ARG A 134 -3.85 3.00 5.88
CA ARG A 134 -2.69 3.73 6.35
C ARG A 134 -2.59 5.12 5.71
N TYR A 135 -2.83 5.20 4.40
CA TYR A 135 -2.80 6.52 3.76
C TYR A 135 -3.90 7.44 4.28
N LEU A 136 -5.10 6.88 4.53
CA LEU A 136 -6.13 7.68 5.20
C LEU A 136 -5.68 8.16 6.58
N ALA A 137 -4.97 7.29 7.32
CA ALA A 137 -4.50 7.64 8.65
C ALA A 137 -3.47 8.77 8.62
N GLU A 138 -2.63 8.81 7.57
CA GLU A 138 -1.61 9.84 7.46
C GLU A 138 -2.21 11.26 7.47
N VAL A 139 -3.43 11.43 6.97
CA VAL A 139 -4.06 12.74 6.86
C VAL A 139 -5.20 12.96 7.85
N ALA A 140 -5.51 11.95 8.68
CA ALA A 140 -6.61 12.01 9.62
C ALA A 140 -6.24 12.80 10.86
N THR A 141 -7.16 13.68 11.30
CA THR A 141 -6.97 14.53 12.47
C THR A 141 -8.19 14.62 13.39
N GLY A 142 -9.30 13.99 13.00
CA GLY A 142 -10.55 14.09 13.73
C GLY A 142 -10.93 12.88 14.59
N ASP A 143 -12.23 12.75 14.82
CA ASP A 143 -12.77 11.79 15.78
C ASP A 143 -12.79 10.33 15.31
N ASP A 144 -12.53 10.11 14.03
CA ASP A 144 -12.43 8.77 13.47
C ASP A 144 -11.00 8.27 13.25
N LYS A 145 -9.99 9.06 13.64
CA LYS A 145 -8.60 8.69 13.41
C LYS A 145 -8.23 7.35 14.07
N LYS A 146 -8.69 7.13 15.30
CA LYS A 146 -8.43 5.87 15.98
C LYS A 146 -9.05 4.70 15.22
N ARG A 147 -10.28 4.86 14.72
CA ARG A 147 -10.95 3.79 14.00
C ARG A 147 -10.25 3.55 12.67
N ILE A 148 -9.73 4.60 12.00
CA ILE A 148 -9.01 4.42 10.74
C ILE A 148 -7.73 3.59 10.99
N ILE A 149 -6.99 3.97 12.02
CA ILE A 149 -5.79 3.24 12.42
C ILE A 149 -6.09 1.78 12.72
N ASP A 150 -7.18 1.53 13.47
CA ASP A 150 -7.53 0.16 13.80
C ASP A 150 -7.96 -0.65 12.58
N SER A 151 -8.59 0.01 11.58
CA SER A 151 -8.91 -0.67 10.34
C SER A 151 -7.65 -1.10 9.59
N ALA A 152 -6.64 -0.23 9.53
CA ALA A 152 -5.38 -0.62 8.91
C ALA A 152 -4.75 -1.81 9.66
N ARG A 153 -4.66 -1.68 10.99
CA ARG A 153 -4.05 -2.71 11.80
CA ARG A 153 -4.05 -2.71 11.80
C ARG A 153 -4.74 -4.06 11.58
N SER A 154 -6.08 -4.07 11.60
CA SER A 154 -6.86 -5.30 11.46
C SER A 154 -6.60 -5.99 10.12
N ALA A 155 -6.55 -5.20 9.04
CA ALA A 155 -6.31 -5.76 7.72
C ALA A 155 -4.89 -6.35 7.61
N TYR A 156 -3.89 -5.58 8.06
CA TYR A 156 -2.53 -6.09 8.09
C TYR A 156 -2.40 -7.37 8.92
N GLN A 157 -3.04 -7.40 10.09
CA GLN A 157 -2.92 -8.55 10.97
C GLN A 157 -3.53 -9.82 10.35
N GLU A 158 -4.71 -9.71 9.70
CA GLU A 158 -5.28 -10.86 9.02
C GLU A 158 -4.36 -11.38 7.91
N ALA A 159 -3.77 -10.43 7.16
CA ALA A 159 -2.83 -10.78 6.11
C ALA A 159 -1.61 -11.50 6.68
N MET A 160 -1.08 -11.00 7.81
N MET A 160 -1.09 -10.99 7.80
CA MET A 160 0.10 -11.61 8.43
CA MET A 160 0.07 -11.58 8.44
C MET A 160 -0.24 -13.03 8.89
C MET A 160 -0.23 -13.01 8.91
N ASP A 161 -1.42 -13.21 9.49
CA ASP A 161 -1.78 -14.53 10.02
C ASP A 161 -1.82 -15.55 8.87
N ILE A 162 -2.43 -15.18 7.75
CA ILE A 162 -2.50 -16.07 6.60
C ILE A 162 -1.12 -16.35 6.03
N SER A 163 -0.32 -15.27 5.86
CA SER A 163 0.99 -15.42 5.26
CA SER A 163 1.02 -15.38 5.30
C SER A 163 1.92 -16.35 6.07
N LYS A 164 1.87 -16.24 7.39
CA LYS A 164 2.71 -17.08 8.22
C LYS A 164 2.31 -18.55 8.15
N LYS A 165 1.02 -18.83 7.97
CA LYS A 165 0.54 -20.20 7.88
C LYS A 165 0.76 -20.83 6.51
N GLU A 166 0.65 -20.02 5.44
CA GLU A 166 0.48 -20.53 4.10
C GLU A 166 1.62 -20.28 3.10
N MET A 167 2.53 -19.36 3.45
N MET A 167 2.56 -19.40 3.45
CA MET A 167 3.59 -18.95 2.53
CA MET A 167 3.58 -18.99 2.49
C MET A 167 4.96 -19.17 3.15
C MET A 167 4.96 -19.12 3.13
N PRO A 168 6.00 -19.44 2.34
CA PRO A 168 7.36 -19.52 2.89
C PRO A 168 7.87 -18.15 3.32
N PRO A 169 8.85 -18.10 4.24
CA PRO A 169 9.34 -16.83 4.75
C PRO A 169 10.04 -15.95 3.72
N THR A 170 10.42 -16.52 2.57
CA THR A 170 11.03 -15.78 1.48
C THR A 170 10.02 -15.28 0.44
N ASN A 171 8.74 -15.65 0.56
CA ASN A 171 7.76 -15.24 -0.44
C ASN A 171 7.70 -13.72 -0.56
N PRO A 172 7.84 -13.14 -1.76
CA PRO A 172 7.87 -11.68 -1.88
C PRO A 172 6.63 -10.96 -1.34
N ILE A 173 5.44 -11.54 -1.49
CA ILE A 173 4.24 -10.93 -0.95
CA ILE A 173 4.24 -10.93 -0.95
C ILE A 173 4.32 -10.88 0.58
N ARG A 174 4.69 -12.01 1.20
CA ARG A 174 4.89 -12.04 2.64
C ARG A 174 5.91 -11.00 3.11
N LEU A 175 7.04 -10.90 2.39
CA LEU A 175 8.07 -9.93 2.76
C LEU A 175 7.60 -8.48 2.63
N GLY A 176 6.91 -8.15 1.53
CA GLY A 176 6.41 -6.80 1.30
C GLY A 176 5.35 -6.40 2.31
N LEU A 177 4.47 -7.35 2.65
CA LEU A 177 3.48 -7.15 3.71
C LEU A 177 4.17 -6.78 5.02
N ALA A 178 5.18 -7.57 5.42
CA ALA A 178 5.88 -7.33 6.67
C ALA A 178 6.59 -5.98 6.66
N LEU A 179 7.24 -5.66 5.54
CA LEU A 179 7.88 -4.35 5.37
C LEU A 179 6.89 -3.21 5.66
N ASN A 180 5.72 -3.29 5.03
CA ASN A 180 4.75 -2.21 5.15
C ASN A 180 4.10 -2.16 6.53
N PHE A 181 3.80 -3.33 7.12
CA PHE A 181 3.19 -3.37 8.45
C PHE A 181 4.19 -2.82 9.48
N SER A 182 5.49 -3.10 9.28
CA SER A 182 6.54 -2.55 10.12
CA SER A 182 6.52 -2.54 10.15
C SER A 182 6.53 -1.01 10.04
N VAL A 183 6.41 -0.46 8.82
CA VAL A 183 6.30 0.99 8.67
C VAL A 183 5.04 1.54 9.34
N PHE A 184 3.89 0.84 9.21
CA PHE A 184 2.70 1.21 9.97
C PHE A 184 3.01 1.33 11.46
N HIS A 185 3.70 0.35 12.04
CA HIS A 185 4.01 0.43 13.45
C HIS A 185 4.85 1.67 13.78
N TYR A 186 5.86 1.96 12.93
CA TYR A 186 6.77 3.07 13.22
C TYR A 186 6.13 4.44 13.04
N GLU A 187 5.44 4.62 11.91
CA GLU A 187 5.00 5.94 11.48
C GLU A 187 3.57 6.31 11.90
N ILE A 188 2.70 5.30 12.09
CA ILE A 188 1.28 5.49 12.38
C ILE A 188 0.89 5.13 13.81
N ALA A 189 1.36 3.96 14.30
CA ALA A 189 0.91 3.44 15.59
C ALA A 189 1.81 3.85 16.76
N ASN A 190 2.87 4.62 16.49
CA ASN A 190 3.76 5.07 17.54
C ASN A 190 4.37 3.90 18.32
N SER A 191 4.79 2.88 17.57
CA SER A 191 5.32 1.64 18.12
C SER A 191 6.65 1.30 17.44
N PRO A 192 7.71 2.13 17.61
CA PRO A 192 8.97 1.89 16.92
C PRO A 192 9.62 0.56 17.30
N GLU A 193 9.50 0.14 18.56
CA GLU A 193 10.08 -1.14 18.94
C GLU A 193 9.42 -2.32 18.21
N GLU A 194 8.09 -2.29 18.05
CA GLU A 194 7.41 -3.32 17.29
C GLU A 194 7.86 -3.30 15.83
N ALA A 195 8.00 -2.09 15.26
CA ALA A 195 8.47 -1.94 13.89
C ALA A 195 9.84 -2.60 13.68
N ILE A 196 10.75 -2.33 14.61
CA ILE A 196 12.10 -2.84 14.53
C ILE A 196 12.11 -4.37 14.70
N SER A 197 11.39 -4.86 15.70
CA SER A 197 11.32 -6.31 15.93
CA SER A 197 11.32 -6.30 15.93
C SER A 197 10.78 -7.04 14.71
N LEU A 198 9.69 -6.53 14.13
CA LEU A 198 9.09 -7.17 12.97
C LEU A 198 10.06 -7.18 11.78
N ALA A 199 10.72 -6.05 11.51
CA ALA A 199 11.64 -6.02 10.39
C ALA A 199 12.79 -7.01 10.57
N LYS A 200 13.36 -7.04 11.78
CA LYS A 200 14.47 -7.93 12.07
CA LYS A 200 14.46 -7.93 12.11
C LYS A 200 14.08 -9.41 11.97
N THR A 201 12.98 -9.81 12.61
CA THR A 201 12.55 -11.20 12.57
CA THR A 201 12.61 -11.21 12.56
C THR A 201 12.24 -11.63 11.14
N THR A 202 11.56 -10.75 10.39
CA THR A 202 11.25 -11.06 8.99
C THR A 202 12.54 -11.30 8.18
N PHE A 203 13.51 -10.38 8.32
CA PHE A 203 14.77 -10.49 7.61
C PHE A 203 15.45 -11.82 7.95
N ASP A 204 15.58 -12.12 9.24
CA ASP A 204 16.34 -13.28 9.68
C ASP A 204 15.68 -14.59 9.23
N GLU A 205 14.35 -14.66 9.26
CA GLU A 205 13.66 -15.88 8.86
C GLU A 205 13.75 -16.10 7.36
N ALA A 206 13.78 -14.99 6.60
CA ALA A 206 13.98 -15.09 5.17
C ALA A 206 15.40 -15.56 4.85
N MET A 207 16.40 -14.98 5.52
N MET A 207 16.40 -14.99 5.53
CA MET A 207 17.80 -15.36 5.32
CA MET A 207 17.78 -15.35 5.29
C MET A 207 17.97 -16.87 5.41
C MET A 207 17.98 -16.87 5.41
N ALA A 208 17.34 -17.48 6.44
CA ALA A 208 17.49 -18.89 6.72
C ALA A 208 16.84 -19.80 5.68
N ASP A 209 15.95 -19.25 4.82
CA ASP A 209 15.23 -20.02 3.81
C ASP A 209 15.77 -19.78 2.39
N LEU A 210 16.72 -18.85 2.22
CA LEU A 210 17.23 -18.54 0.89
C LEU A 210 17.82 -19.76 0.17
N HIS A 211 18.38 -20.70 0.94
CA HIS A 211 19.05 -21.87 0.37
C HIS A 211 18.12 -22.74 -0.48
N THR A 212 16.80 -22.61 -0.28
CA THR A 212 15.81 -23.41 -0.98
C THR A 212 15.48 -22.90 -2.38
N LEU A 213 15.94 -21.69 -2.72
CA LEU A 213 15.47 -20.94 -3.87
C LEU A 213 16.35 -21.09 -5.11
N SER A 214 15.71 -20.97 -6.28
CA SER A 214 16.39 -20.76 -7.55
C SER A 214 17.11 -19.40 -7.59
N GLU A 215 18.00 -19.24 -8.58
CA GLU A 215 18.68 -17.98 -8.80
C GLU A 215 17.70 -16.81 -8.94
N ASP A 216 16.66 -17.01 -9.75
CA ASP A 216 15.69 -15.94 -9.99
C ASP A 216 14.87 -15.59 -8.75
N SER A 217 14.41 -16.61 -8.00
CA SER A 217 13.64 -16.35 -6.77
C SER A 217 14.54 -15.69 -5.71
N TYR A 218 15.79 -16.12 -5.65
CA TYR A 218 16.76 -15.52 -4.74
C TYR A 218 16.89 -14.02 -4.99
N LYS A 219 17.01 -13.64 -6.26
CA LYS A 219 17.12 -12.23 -6.63
C LYS A 219 15.92 -11.43 -6.10
N ASP A 220 14.72 -11.94 -6.34
CA ASP A 220 13.50 -11.28 -5.92
C ASP A 220 13.44 -11.13 -4.39
N SER A 221 13.70 -12.22 -3.66
CA SER A 221 13.60 -12.16 -2.21
C SER A 221 14.66 -11.23 -1.59
N THR A 222 15.90 -11.33 -2.07
CA THR A 222 16.96 -10.49 -1.50
C THR A 222 16.77 -9.00 -1.76
N LEU A 223 16.13 -8.65 -2.87
CA LEU A 223 15.81 -7.25 -3.14
C LEU A 223 14.93 -6.68 -2.04
N ILE A 224 13.89 -7.43 -1.66
CA ILE A 224 12.99 -6.94 -0.63
C ILE A 224 13.64 -6.99 0.76
N MET A 225 14.46 -8.02 0.99
CA MET A 225 15.19 -8.08 2.25
C MET A 225 16.06 -6.84 2.44
N GLN A 226 16.63 -6.32 1.34
CA GLN A 226 17.46 -5.14 1.44
C GLN A 226 16.64 -3.93 1.88
N LEU A 227 15.37 -3.85 1.48
CA LEU A 227 14.50 -2.78 1.94
C LEU A 227 14.24 -2.86 3.45
N LEU A 228 14.04 -4.08 3.97
CA LEU A 228 13.95 -4.27 5.41
C LEU A 228 15.21 -3.75 6.11
N ARG A 229 16.39 -4.14 5.59
CA ARG A 229 17.67 -3.70 6.14
C ARG A 229 17.81 -2.18 6.10
N ASP A 230 17.38 -1.58 4.98
CA ASP A 230 17.47 -0.13 4.85
C ASP A 230 16.65 0.57 5.94
N ASN A 231 15.44 0.07 6.20
CA ASN A 231 14.62 0.66 7.25
C ASN A 231 15.26 0.46 8.62
N LEU A 232 15.77 -0.75 8.90
CA LEU A 232 16.46 -1.00 10.16
C LEU A 232 17.62 -0.04 10.35
N THR A 233 18.36 0.24 9.28
CA THR A 233 19.48 1.18 9.35
C THR A 233 19.00 2.61 9.65
N LEU A 234 17.87 3.00 9.05
CA LEU A 234 17.29 4.31 9.32
C LEU A 234 16.86 4.45 10.78
N TRP A 235 16.41 3.34 11.37
CA TRP A 235 15.75 3.37 12.66
C TRP A 235 16.64 3.07 13.87
N THR A 236 17.87 2.62 13.61
CA THR A 236 18.80 2.22 14.66
C THR A 236 20.14 2.96 14.53
N PHE B 1 11.75 9.44 4.42
CA PHE B 1 10.65 8.48 4.62
C PHE B 1 11.14 7.03 4.46
N PRO B 2 10.57 6.06 5.22
CA PRO B 2 11.00 4.68 5.09
C PRO B 2 10.45 3.98 3.85
N ALA B 3 11.08 2.86 3.47
CA ALA B 3 10.69 2.13 2.29
C ALA B 3 9.42 1.31 2.50
N VAL B 5 6.47 -1.03 -0.26
CA VAL B 5 6.25 -1.54 -1.58
C VAL B 5 4.79 -1.70 -1.94
#